data_3RJM
#
_entry.id   3RJM
#
_cell.length_a   63.770
_cell.length_b   97.380
_cell.length_c   97.980
_cell.angle_alpha   90.00
_cell.angle_beta   90.00
_cell.angle_gamma   90.00
#
_symmetry.space_group_name_H-M   'P 21 21 21'
#
loop_
_entity.id
_entity.type
_entity.pdbx_description
1 polymer Caspase-2
2 polymer Caspase-2
3 polymer 'Peptide inhibitor (ACE)VDV(3PX)D-CHO'
4 water water
#
loop_
_entity_poly.entity_id
_entity_poly.type
_entity_poly.pdbx_seq_one_letter_code
_entity_poly.pdbx_strand_id
1 'polypeptide(L)'
;MANKDGPVCLQVKPCTPEFYQTHFQLAYRLQSRPRGLALVLSNVHFTGEKELEFRSGGDVDHSTLVTLFKLLGYDVHVLC
DQTAQEMQEKLQNFAQLPAHRVTDSCIVALLSHGVEGAIYGVDGKLLQLQEVFQLFDNANCPSLQNKPKMFFIQACRGDE
TDRGVDQQD
;
A,C
2 'polypeptide(L)'
;MAGKEKLPKMRLPTRSDMICGYACLKGTAAMRNTKRGSWYIEALAQVFSERACDMHVADMLVKVNALIKDREGYAPGTEF
HRCKEMSEYCSTLCRHLYLFPGHPPTAAALEHHHHHH
;
B,D
3 'polypeptide(L)' (ACE)VDV(3PX)(ASJ) E,F
#
loop_
_chem_comp.id
_chem_comp.type
_chem_comp.name
_chem_comp.formula
ACE non-polymer 'ACETYL GROUP' 'C2 H4 O'
ASJ peptide-like '(3S)-3-amino-4-hydroxybutanoic acid' 'C4 H9 N O3'
#
# COMPACT_ATOMS: atom_id res chain seq x y z
N LEU A 10 -8.35 17.33 -21.25
CA LEU A 10 -7.89 17.26 -19.83
C LEU A 10 -7.58 18.67 -19.32
N GLN A 11 -7.97 18.98 -18.07
CA GLN A 11 -7.67 20.29 -17.48
C GLN A 11 -7.45 20.11 -15.98
N VAL A 12 -6.35 20.68 -15.46
CA VAL A 12 -5.98 20.50 -14.06
C VAL A 12 -6.33 21.76 -13.29
N LYS A 13 -7.26 21.62 -12.35
CA LYS A 13 -7.68 22.71 -11.52
C LYS A 13 -6.49 23.06 -10.64
N PRO A 14 -6.08 24.34 -10.60
CA PRO A 14 -4.96 24.72 -9.75
C PRO A 14 -5.40 24.81 -8.31
N CYS A 15 -4.47 24.71 -7.37
CA CYS A 15 -4.85 24.88 -6.00
C CYS A 15 -4.86 26.37 -5.67
N THR A 16 -5.58 26.72 -4.61
CA THR A 16 -5.68 28.09 -4.18
C THR A 16 -4.52 28.41 -3.24
N PRO A 17 -4.10 29.67 -3.18
CA PRO A 17 -3.04 30.04 -2.26
C PRO A 17 -3.38 29.64 -0.83
N GLU A 18 -4.63 29.85 -0.44
CA GLU A 18 -5.07 29.52 0.92
C GLU A 18 -4.88 28.04 1.21
N PHE A 19 -5.17 27.22 0.22
CA PHE A 19 -5.00 25.79 0.40
C PHE A 19 -3.54 25.43 0.62
N TYR A 20 -2.67 26.02 -0.20
CA TYR A 20 -1.25 25.87 -0.02
C TYR A 20 -0.79 26.31 1.36
N GLN A 21 -1.27 27.47 1.83
CA GLN A 21 -0.77 28.00 3.09
C GLN A 21 -1.18 27.12 4.24
N THR A 22 -2.36 26.50 4.18
CA THR A 22 -2.83 25.74 5.34
C THR A 22 -2.45 24.27 5.24
N HIS A 23 -1.78 23.87 4.15
CA HIS A 23 -1.38 22.48 3.98
C HIS A 23 0.12 22.22 3.80
N PHE A 24 0.92 23.22 3.47
CA PHE A 24 2.32 22.97 3.11
C PHE A 24 3.17 22.48 4.27
N GLN A 25 2.75 22.75 5.49
CA GLN A 25 3.60 22.53 6.65
C GLN A 25 3.62 21.04 7.03
N LEU A 26 2.55 20.31 6.68
CA LEU A 26 2.38 18.91 7.04
C LEU A 26 2.55 17.99 5.82
N ALA A 27 3.07 18.57 4.74
CA ALA A 27 3.25 17.86 3.47
C ALA A 27 4.71 17.89 3.05
N TYR A 28 5.10 16.99 2.15
CA TYR A 28 6.39 17.07 1.52
C TYR A 28 6.57 18.41 0.83
N ARG A 29 7.76 18.99 0.98
CA ARG A 29 8.14 20.15 0.19
C ARG A 29 7.92 19.77 -1.27
N LEU A 30 7.10 20.55 -1.96
CA LEU A 30 6.76 20.32 -3.35
C LEU A 30 6.38 21.65 -4.01
N GLN A 31 7.40 22.43 -4.36
CA GLN A 31 7.21 23.73 -5.01
C GLN A 31 8.22 24.00 -6.13
N SER A 32 9.10 23.04 -6.39
CA SER A 32 10.08 23.19 -7.44
C SER A 32 9.36 23.34 -8.77
N ARG A 33 10.02 24.04 -9.69
CA ARG A 33 9.58 24.20 -11.07
C ARG A 33 10.73 23.67 -11.93
N PRO A 34 10.55 22.50 -12.56
CA PRO A 34 9.36 21.66 -12.56
C PRO A 34 9.16 20.92 -11.24
N ARG A 35 7.97 20.39 -11.03
CA ARG A 35 7.68 19.64 -9.81
C ARG A 35 8.59 18.44 -9.70
N GLY A 36 8.99 17.90 -10.83
CA GLY A 36 9.82 16.74 -10.84
C GLY A 36 10.03 16.36 -12.27
N LEU A 37 10.91 15.39 -12.50
CA LEU A 37 10.94 14.69 -13.77
C LEU A 37 9.85 13.62 -13.70
N ALA A 38 9.20 13.37 -14.83
CA ALA A 38 8.25 12.27 -14.95
C ALA A 38 8.69 11.39 -16.14
N LEU A 39 8.48 10.09 -16.03
CA LEU A 39 8.81 9.17 -17.08
C LEU A 39 7.61 8.28 -17.34
N VAL A 40 7.15 8.23 -18.58
CA VAL A 40 6.05 7.41 -18.98
C VAL A 40 6.69 6.44 -19.96
N LEU A 41 6.64 5.15 -19.61
CA LEU A 41 7.27 4.10 -20.37
C LEU A 41 6.19 3.12 -20.81
N SER A 42 5.79 3.18 -22.10
CA SER A 42 4.70 2.37 -22.66
C SER A 42 5.21 1.30 -23.63
N ASN A 43 4.93 0.04 -23.33
CA ASN A 43 5.07 -1.06 -24.28
C ASN A 43 3.71 -1.47 -24.79
N VAL A 44 3.58 -1.51 -26.12
CA VAL A 44 2.32 -1.73 -26.78
C VAL A 44 2.41 -2.88 -27.79
N HIS A 45 3.47 -2.90 -28.60
CA HIS A 45 3.68 -3.90 -29.65
CA HIS A 45 3.68 -3.90 -29.64
C HIS A 45 4.69 -4.92 -29.12
N PHE A 46 4.31 -6.19 -29.07
CA PHE A 46 5.20 -7.23 -28.50
C PHE A 46 5.67 -8.19 -29.59
N THR A 47 6.94 -7.99 -29.96
CA THR A 47 7.55 -8.53 -31.17
C THR A 47 8.37 -9.78 -30.86
N GLY A 48 8.04 -10.45 -29.75
CA GLY A 48 8.94 -11.39 -29.09
C GLY A 48 8.48 -12.83 -29.06
N GLU A 49 9.21 -13.61 -28.26
CA GLU A 49 9.12 -15.08 -28.27
C GLU A 49 7.81 -15.53 -27.66
N LYS A 50 7.66 -15.31 -26.35
CA LYS A 50 6.37 -15.50 -25.65
C LYS A 50 5.35 -14.52 -26.28
N GLU A 51 4.31 -15.05 -26.95
CA GLU A 51 3.34 -14.19 -27.65
C GLU A 51 2.46 -13.42 -26.65
N LEU A 52 2.57 -12.09 -26.71
CA LEU A 52 1.82 -11.21 -25.81
C LEU A 52 0.94 -10.31 -26.66
N GLU A 53 -0.37 -10.27 -26.40
CA GLU A 53 -1.29 -9.58 -27.31
C GLU A 53 -0.94 -8.09 -27.40
N PHE A 54 -1.06 -7.55 -28.62
CA PHE A 54 -0.85 -6.12 -28.84
C PHE A 54 -1.79 -5.28 -27.95
N ARG A 55 -1.20 -4.33 -27.22
CA ARG A 55 -1.93 -3.58 -26.23
C ARG A 55 -2.65 -2.44 -26.91
N SER A 56 -3.76 -2.82 -27.53
CA SER A 56 -4.63 -1.87 -28.19
C SER A 56 -5.13 -0.93 -27.10
N GLY A 57 -5.13 0.36 -27.38
CA GLY A 57 -5.58 1.36 -26.40
C GLY A 57 -4.48 1.90 -25.50
N GLY A 58 -3.28 1.33 -25.62
CA GLY A 58 -2.14 1.81 -24.87
C GLY A 58 -1.71 3.16 -25.37
N ASP A 59 -2.02 3.44 -26.62
CA ASP A 59 -1.75 4.75 -27.20
C ASP A 59 -2.49 5.86 -26.42
N VAL A 60 -3.74 5.60 -26.02
CA VAL A 60 -4.50 6.58 -25.24
C VAL A 60 -4.00 6.68 -23.81
N ASP A 61 -3.61 5.56 -23.21
CA ASP A 61 -2.98 5.59 -21.89
C ASP A 61 -1.76 6.51 -21.90
N HIS A 62 -0.88 6.29 -22.87
CA HIS A 62 0.41 7.00 -22.99
C HIS A 62 0.18 8.48 -23.14
N SER A 63 -0.73 8.85 -24.05
CA SER A 63 -1.06 10.26 -24.31
C SER A 63 -1.66 10.98 -23.11
N THR A 64 -2.45 10.25 -22.34
CA THR A 64 -3.18 10.82 -21.22
C THR A 64 -2.22 11.18 -20.07
N LEU A 65 -1.28 10.28 -19.80
CA LEU A 65 -0.31 10.51 -18.73
C LEU A 65 0.67 11.62 -19.08
N VAL A 66 1.24 11.56 -20.28
CA VAL A 66 2.15 12.60 -20.74
C VAL A 66 1.48 13.96 -20.57
N THR A 67 0.24 14.07 -21.06
CA THR A 67 -0.56 15.29 -20.87
C THR A 67 -0.77 15.59 -19.40
N LEU A 68 -1.23 14.59 -18.65
CA LEU A 68 -1.51 14.76 -17.23
C LEU A 68 -0.29 15.29 -16.49
N PHE A 69 0.85 14.65 -16.69
CA PHE A 69 2.03 15.01 -15.92
C PHE A 69 2.62 16.37 -16.34
N LYS A 70 2.58 16.70 -17.64
CA LYS A 70 2.96 18.06 -18.04
C LYS A 70 2.11 19.10 -17.31
N LEU A 71 0.79 18.87 -17.24
CA LEU A 71 -0.17 19.80 -16.59
C LEU A 71 -0.06 19.82 -15.05
N LEU A 72 0.42 18.72 -14.47
CA LEU A 72 0.80 18.73 -13.04
C LEU A 72 2.16 19.41 -12.82
N GLY A 73 2.82 19.78 -13.91
CA GLY A 73 4.05 20.56 -13.85
C GLY A 73 5.30 19.71 -13.84
N TYR A 74 5.24 18.51 -14.44
CA TYR A 74 6.43 17.67 -14.51
C TYR A 74 7.09 17.80 -15.88
N ASP A 75 8.40 17.54 -15.91
CA ASP A 75 9.17 17.54 -17.11
C ASP A 75 9.09 16.09 -17.57
N VAL A 76 8.34 15.84 -18.62
CA VAL A 76 7.96 14.46 -18.99
C VAL A 76 8.95 13.88 -20.00
N HIS A 77 9.55 12.74 -19.64
CA HIS A 77 10.39 11.95 -20.53
C HIS A 77 9.58 10.76 -20.97
N VAL A 78 9.82 10.26 -22.19
CA VAL A 78 9.00 9.21 -22.74
C VAL A 78 9.84 8.16 -23.43
N LEU A 79 9.50 6.89 -23.19
CA LEU A 79 10.10 5.74 -23.85
C LEU A 79 9.00 4.76 -24.32
N CYS A 80 9.11 4.27 -25.54
CA CYS A 80 8.12 3.37 -26.09
C CYS A 80 8.74 2.09 -26.56
N ASP A 81 8.04 0.99 -26.32
CA ASP A 81 8.36 -0.30 -26.93
C ASP A 81 9.81 -0.70 -26.72
N GLN A 82 10.11 -1.03 -25.46
CA GLN A 82 11.46 -1.28 -25.03
C GLN A 82 11.62 -2.72 -24.55
N THR A 83 12.80 -3.28 -24.74
CA THR A 83 13.15 -4.62 -24.21
C THR A 83 13.40 -4.56 -22.72
N ALA A 84 13.36 -5.71 -22.07
CA ALA A 84 13.65 -5.76 -20.65
C ALA A 84 14.96 -5.03 -20.35
N GLN A 85 16.02 -5.37 -21.09
CA GLN A 85 17.33 -4.76 -20.84
C GLN A 85 17.34 -3.24 -21.09
N GLU A 86 16.66 -2.81 -22.15
CA GLU A 86 16.57 -1.39 -22.47
C GLU A 86 15.82 -0.58 -21.38
N MET A 87 14.73 -1.17 -20.88
CA MET A 87 13.98 -0.60 -19.76
C MET A 87 14.88 -0.45 -18.54
N GLN A 88 15.69 -1.47 -18.24
CA GLN A 88 16.56 -1.46 -17.07
C GLN A 88 17.64 -0.40 -17.17
N GLU A 89 18.39 -0.40 -18.28
CA GLU A 89 19.46 0.57 -18.51
C GLU A 89 18.91 1.99 -18.45
N LYS A 90 17.83 2.24 -19.17
CA LYS A 90 17.30 3.60 -19.31
C LYS A 90 16.56 4.10 -18.06
N LEU A 91 15.99 3.16 -17.28
CA LEU A 91 15.47 3.51 -15.94
C LEU A 91 16.60 3.96 -15.04
N GLN A 92 17.74 3.25 -15.11
CA GLN A 92 18.95 3.64 -14.37
C GLN A 92 19.49 4.98 -14.86
N ASN A 93 19.49 5.22 -16.17
CA ASN A 93 19.93 6.52 -16.67
C ASN A 93 19.02 7.61 -16.15
N PHE A 94 17.73 7.32 -16.08
CA PHE A 94 16.75 8.31 -15.63
C PHE A 94 16.89 8.59 -14.14
N ALA A 95 17.06 7.53 -13.35
CA ALA A 95 17.24 7.70 -11.91
C ALA A 95 18.49 8.50 -11.55
N GLN A 96 19.49 8.44 -12.41
CA GLN A 96 20.78 9.10 -12.19
C GLN A 96 20.90 10.51 -12.79
N LEU A 97 19.86 10.97 -13.47
CA LEU A 97 19.89 12.31 -14.07
C LEU A 97 20.14 13.37 -12.99
N PRO A 98 20.96 14.39 -13.30
CA PRO A 98 21.29 15.39 -12.27
C PRO A 98 20.17 16.37 -11.90
N ALA A 99 19.10 16.43 -12.68
CA ALA A 99 17.98 17.33 -12.38
C ALA A 99 17.29 16.98 -11.07
N HIS A 100 17.37 15.72 -10.66
CA HIS A 100 16.69 15.27 -9.47
C HIS A 100 17.14 16.03 -8.20
N ARG A 101 18.37 16.53 -8.19
CA ARG A 101 18.81 17.30 -7.03
C ARG A 101 17.96 18.54 -6.80
N VAL A 102 17.64 19.26 -7.88
CA VAL A 102 16.92 20.53 -7.78
C VAL A 102 15.42 20.42 -7.88
N THR A 103 14.91 19.23 -8.18
CA THR A 103 13.46 18.97 -8.08
C THR A 103 13.05 18.44 -6.71
N ASP A 104 11.74 18.44 -6.49
CA ASP A 104 11.16 18.09 -5.20
C ASP A 104 10.45 16.74 -5.19
N SER A 105 10.32 16.09 -6.35
CA SER A 105 9.63 14.80 -6.43
C SER A 105 9.95 14.09 -7.74
N CYS A 106 9.42 12.89 -7.89
CA CYS A 106 9.67 12.08 -9.09
C CYS A 106 8.44 11.21 -9.42
N ILE A 107 8.18 11.01 -10.71
CA ILE A 107 7.11 10.14 -11.19
C ILE A 107 7.58 9.13 -12.25
N VAL A 108 7.30 7.85 -12.03
CA VAL A 108 7.57 6.80 -13.01
C VAL A 108 6.30 5.98 -13.22
N ALA A 109 5.79 6.00 -14.46
CA ALA A 109 4.66 5.22 -14.85
C ALA A 109 5.12 4.15 -15.84
N LEU A 110 4.76 2.89 -15.58
CA LEU A 110 5.20 1.78 -16.41
C LEU A 110 4.00 1.05 -16.95
N LEU A 111 3.88 0.95 -18.28
CA LEU A 111 2.68 0.40 -18.89
C LEU A 111 3.03 -0.69 -19.88
N SER A 112 2.56 -1.90 -19.61
CA SER A 112 3.03 -3.07 -20.36
C SER A 112 2.19 -4.25 -19.95
N HIS A 113 2.54 -5.42 -20.47
CA HIS A 113 2.04 -6.68 -19.93
C HIS A 113 2.99 -7.06 -18.82
N GLY A 114 2.54 -7.96 -17.94
CA GLY A 114 3.38 -8.43 -16.86
C GLY A 114 2.91 -9.63 -16.05
N VAL A 115 3.68 -9.95 -15.02
CA VAL A 115 3.35 -11.02 -14.09
C VAL A 115 3.53 -10.49 -12.68
N GLU A 116 3.08 -11.22 -11.67
CA GLU A 116 3.28 -10.78 -10.32
C GLU A 116 4.74 -10.36 -10.13
N GLY A 117 4.96 -9.10 -9.76
CA GLY A 117 6.27 -8.61 -9.37
C GLY A 117 7.27 -8.31 -10.48
N ALA A 118 6.84 -8.42 -11.73
CA ALA A 118 7.73 -8.12 -12.84
C ALA A 118 6.91 -7.65 -14.02
N ILE A 119 7.55 -6.92 -14.94
CA ILE A 119 6.88 -6.50 -16.18
C ILE A 119 7.65 -6.91 -17.43
N TYR A 120 6.91 -7.06 -18.52
CA TYR A 120 7.48 -7.53 -19.77
C TYR A 120 8.05 -6.41 -20.62
N GLY A 121 9.24 -6.63 -21.16
CA GLY A 121 9.70 -5.84 -22.29
C GLY A 121 9.08 -6.35 -23.58
N VAL A 122 9.24 -5.60 -24.68
CA VAL A 122 8.68 -6.03 -25.97
C VAL A 122 9.32 -7.31 -26.47
N ASP A 123 10.42 -7.71 -25.84
CA ASP A 123 11.09 -8.97 -26.20
C ASP A 123 10.54 -10.20 -25.48
N GLY A 124 9.51 -10.02 -24.67
CA GLY A 124 8.91 -11.11 -23.92
C GLY A 124 9.70 -11.50 -22.69
N LYS A 125 10.80 -10.78 -22.41
CA LYS A 125 11.58 -11.04 -21.19
C LYS A 125 11.10 -10.11 -20.07
N LEU A 126 11.48 -10.44 -18.83
CA LEU A 126 10.91 -9.79 -17.66
C LEU A 126 11.90 -8.88 -16.96
N LEU A 127 11.39 -7.75 -16.45
CA LEU A 127 12.16 -6.89 -15.54
C LEU A 127 11.48 -6.92 -14.19
N GLN A 128 12.23 -7.26 -13.14
CA GLN A 128 11.65 -7.37 -11.80
C GLN A 128 11.37 -5.97 -11.21
N LEU A 129 10.21 -5.81 -10.59
CA LEU A 129 9.82 -4.49 -10.07
C LEU A 129 10.65 -4.05 -8.86
N GLN A 130 11.10 -5.00 -8.05
CA GLN A 130 12.05 -4.69 -6.98
C GLN A 130 13.31 -4.00 -7.52
N GLU A 131 13.84 -4.47 -8.66
CA GLU A 131 15.04 -3.87 -9.27
C GLU A 131 14.78 -2.43 -9.68
N VAL A 132 13.55 -2.18 -10.14
CA VAL A 132 13.13 -0.83 -10.53
C VAL A 132 13.03 0.09 -9.32
N PHE A 133 12.32 -0.32 -8.27
CA PHE A 133 12.19 0.53 -7.10
C PHE A 133 13.55 0.79 -6.47
N GLN A 134 14.39 -0.22 -6.52
CA GLN A 134 15.74 -0.14 -5.99
C GLN A 134 16.55 0.95 -6.66
N LEU A 135 16.32 1.20 -7.96
CA LEU A 135 17.07 2.22 -8.70
C LEU A 135 16.85 3.62 -8.12
N PHE A 136 15.73 3.83 -7.42
CA PHE A 136 15.34 5.11 -6.85
C PHE A 136 15.44 5.20 -5.33
N ASP A 137 16.07 4.20 -4.72
CA ASP A 137 16.10 4.14 -3.27
C ASP A 137 17.17 5.06 -2.69
N ASN A 138 17.28 5.07 -1.37
CA ASN A 138 18.17 6.01 -0.71
C ASN A 138 19.66 5.71 -0.89
N ALA A 139 19.99 4.46 -1.20
CA ALA A 139 21.39 4.09 -1.44
C ALA A 139 21.77 4.43 -2.88
N ASN A 140 20.88 4.17 -3.85
CA ASN A 140 21.24 4.29 -5.26
C ASN A 140 20.90 5.64 -5.88
N CYS A 141 19.86 6.28 -5.36
CA CYS A 141 19.44 7.58 -5.85
C CYS A 141 19.46 8.61 -4.72
N PRO A 142 20.64 8.92 -4.18
CA PRO A 142 20.79 9.89 -3.12
C PRO A 142 20.15 11.25 -3.40
N SER A 143 20.11 11.68 -4.65
CA SER A 143 19.52 12.97 -4.98
C SER A 143 18.00 13.04 -4.73
N LEU A 144 17.33 11.89 -4.60
CA LEU A 144 15.89 11.85 -4.26
C LEU A 144 15.66 11.46 -2.80
N GLN A 145 16.71 11.50 -1.99
CA GLN A 145 16.53 11.22 -0.58
C GLN A 145 15.52 12.16 0.03
N ASN A 146 14.58 11.58 0.77
CA ASN A 146 13.53 12.31 1.46
C ASN A 146 12.45 12.89 0.59
N LYS A 147 12.52 12.62 -0.70
CA LYS A 147 11.57 13.22 -1.64
C LYS A 147 10.57 12.16 -2.06
N PRO A 148 9.32 12.56 -2.20
CA PRO A 148 8.30 11.62 -2.58
C PRO A 148 8.46 11.12 -4.02
N LYS A 149 8.48 9.80 -4.16
CA LYS A 149 8.66 9.16 -5.44
C LYS A 149 7.41 8.33 -5.73
N MET A 150 6.73 8.65 -6.82
CA MET A 150 5.48 8.00 -7.15
C MET A 150 5.71 7.04 -8.30
N PHE A 151 5.16 5.82 -8.20
CA PHE A 151 5.17 4.85 -9.29
C PHE A 151 3.74 4.43 -9.60
N PHE A 152 3.41 4.33 -10.89
CA PHE A 152 2.13 3.80 -11.35
C PHE A 152 2.40 2.69 -12.35
N ILE A 153 1.91 1.49 -12.04
CA ILE A 153 2.19 0.29 -12.83
C ILE A 153 0.90 -0.24 -13.46
N GLN A 154 0.75 0.01 -14.76
CA GLN A 154 -0.34 -0.57 -15.54
C GLN A 154 0.19 -1.84 -16.21
N ALA A 155 -0.07 -2.97 -15.58
CA ALA A 155 0.37 -4.24 -16.09
C ALA A 155 -0.37 -5.30 -15.31
N CYS A 156 -0.75 -6.37 -15.97
CA CYS A 156 -1.30 -7.54 -15.30
C CYS A 156 -0.28 -8.14 -14.34
N ARG A 157 -0.81 -8.82 -13.32
CA ARG A 157 -0.03 -9.50 -12.31
C ARG A 157 -0.48 -10.97 -12.23
N GLY A 158 -0.86 -11.51 -13.38
CA GLY A 158 -1.55 -12.79 -13.47
C GLY A 158 -2.39 -12.92 -14.73
N ASP A 159 -3.02 -14.09 -14.87
CA ASP A 159 -3.78 -14.46 -16.07
C ASP A 159 -5.24 -14.80 -15.82
N GLU A 160 -5.59 -15.11 -14.58
CA GLU A 160 -6.94 -15.55 -14.28
C GLU A 160 -7.86 -14.31 -14.23
N THR A 161 -9.04 -14.43 -14.85
CA THR A 161 -10.09 -13.40 -14.81
C THR A 161 -10.74 -13.29 -13.42
N ASP A 162 -11.02 -12.07 -12.95
CA ASP A 162 -11.85 -11.93 -11.75
C ASP A 162 -13.28 -11.94 -12.21
N ARG A 163 -13.92 -13.08 -11.98
CA ARG A 163 -15.27 -13.34 -12.39
C ARG A 163 -16.24 -12.39 -11.66
N GLY A 164 -15.85 -11.92 -10.50
CA GLY A 164 -16.71 -11.08 -9.68
C GLY A 164 -17.62 -11.89 -8.78
N VAL A 165 -18.16 -11.22 -7.77
CA VAL A 165 -18.97 -11.86 -6.75
C VAL A 165 -20.26 -11.06 -6.56
N ASP A 166 -21.36 -11.76 -6.30
CA ASP A 166 -22.65 -11.11 -6.05
C ASP A 166 -22.71 -10.48 -4.67
N GLN A 167 -23.35 -9.33 -4.63
CA GLN A 167 -23.47 -8.50 -3.46
C GLN A 167 -24.64 -9.01 -2.66
N GLN A 168 -24.41 -9.47 -1.45
CA GLN A 168 -25.43 -10.20 -0.71
C GLN A 168 -26.65 -9.34 -0.36
N PRO B 8 26.97 11.59 15.17
CA PRO B 8 25.74 10.80 14.98
C PRO B 8 24.58 11.64 14.45
N LYS B 9 24.46 11.72 13.13
CA LYS B 9 23.31 12.37 12.48
C LYS B 9 22.20 11.31 12.25
N MET B 10 20.97 11.80 12.00
CA MET B 10 19.84 10.95 11.60
C MET B 10 20.15 10.26 10.29
N ARG B 11 19.91 8.96 10.24
CA ARG B 11 20.13 8.21 9.02
C ARG B 11 18.81 7.71 8.44
N LEU B 12 18.91 7.06 7.29
CA LEU B 12 17.75 6.65 6.53
C LEU B 12 17.70 5.14 6.34
N PRO B 13 16.48 4.58 6.27
CA PRO B 13 16.34 3.24 5.73
C PRO B 13 16.86 3.19 4.32
N THR B 14 17.14 2.00 3.83
CA THR B 14 17.58 1.85 2.46
C THR B 14 16.51 2.32 1.46
N ARG B 15 15.22 2.07 1.73
CA ARG B 15 14.13 2.52 0.84
C ARG B 15 13.02 3.23 1.62
N SER B 16 12.60 4.41 1.17
CA SER B 16 11.52 5.13 1.83
C SER B 16 10.91 6.18 0.91
N ASP B 17 9.87 6.84 1.38
CA ASP B 17 9.27 7.95 0.66
C ASP B 17 8.88 7.58 -0.77
N MET B 18 8.26 6.39 -0.90
CA MET B 18 7.68 5.91 -2.16
C MET B 18 6.21 5.57 -2.03
N ILE B 19 5.47 5.81 -3.10
CA ILE B 19 4.09 5.35 -3.21
C ILE B 19 3.95 4.69 -4.59
N CYS B 20 3.36 3.51 -4.62
CA CYS B 20 3.23 2.74 -5.85
CA CYS B 20 3.25 2.72 -5.84
C CYS B 20 1.79 2.28 -6.07
N GLY B 21 1.20 2.75 -7.17
CA GLY B 21 -0.17 2.42 -7.55
C GLY B 21 -0.19 1.29 -8.57
N TYR B 22 -0.91 0.22 -8.25
CA TYR B 22 -1.04 -0.91 -9.15
C TYR B 22 -2.45 -1.00 -9.74
N ALA B 23 -2.52 -1.22 -11.05
CA ALA B 23 -3.81 -1.35 -11.74
C ALA B 23 -4.61 -2.55 -11.25
N CYS B 24 -3.94 -3.58 -10.72
CA CYS B 24 -4.62 -4.78 -10.23
C CYS B 24 -3.93 -5.40 -9.04
N LEU B 25 -4.59 -6.38 -8.44
CA LEU B 25 -4.08 -7.04 -7.24
C LEU B 25 -3.22 -8.24 -7.59
N LYS B 26 -2.40 -8.64 -6.62
CA LYS B 26 -1.53 -9.80 -6.76
C LYS B 26 -2.26 -10.99 -7.39
N GLY B 27 -1.66 -11.56 -8.44
CA GLY B 27 -2.22 -12.75 -9.11
C GLY B 27 -3.41 -12.50 -10.02
N THR B 28 -3.72 -11.25 -10.32
CA THR B 28 -4.93 -10.94 -11.08
C THR B 28 -4.58 -10.09 -12.29
N ALA B 29 -5.58 -9.90 -13.14
CA ALA B 29 -5.41 -9.20 -14.39
C ALA B 29 -5.93 -7.78 -14.26
N ALA B 30 -5.35 -6.87 -15.02
CA ALA B 30 -5.87 -5.51 -15.15
C ALA B 30 -6.63 -5.45 -16.46
N MET B 31 -7.74 -4.70 -16.50
CA MET B 31 -8.57 -4.61 -17.70
C MET B 31 -8.30 -3.34 -18.50
N ARG B 32 -8.47 -3.47 -19.82
CA ARG B 32 -8.22 -2.38 -20.75
C ARG B 32 -9.27 -2.36 -21.86
N ASN B 33 -9.83 -1.17 -22.10
CA ASN B 33 -10.75 -0.95 -23.21
C ASN B 33 -9.98 -0.55 -24.46
N THR B 34 -10.28 -1.21 -25.57
CA THR B 34 -9.48 -1.10 -26.78
C THR B 34 -9.60 0.26 -27.47
N LYS B 35 -10.56 1.09 -27.04
CA LYS B 35 -10.82 2.40 -27.61
C LYS B 35 -10.47 3.49 -26.61
N ARG B 36 -10.91 3.32 -25.37
CA ARG B 36 -10.72 4.29 -24.29
C ARG B 36 -9.40 4.13 -23.50
N GLY B 37 -8.72 3.00 -23.64
CA GLY B 37 -7.55 2.66 -22.83
C GLY B 37 -7.85 1.95 -21.52
N SER B 38 -6.80 1.78 -20.71
CA SER B 38 -6.90 1.07 -19.42
C SER B 38 -7.88 1.70 -18.44
N TRP B 39 -8.52 0.87 -17.62
CA TRP B 39 -9.45 1.35 -16.61
C TRP B 39 -8.72 2.17 -15.59
N TYR B 40 -7.53 1.72 -15.22
CA TYR B 40 -6.80 2.35 -14.14
C TYR B 40 -6.29 3.72 -14.55
N ILE B 41 -5.72 3.80 -15.73
CA ILE B 41 -5.15 5.05 -16.18
C ILE B 41 -6.25 6.07 -16.39
N GLU B 42 -7.36 5.64 -16.96
CA GLU B 42 -8.46 6.54 -17.22
C GLU B 42 -8.93 7.13 -15.90
N ALA B 43 -9.22 6.26 -14.94
CA ALA B 43 -9.61 6.67 -13.59
C ALA B 43 -8.56 7.61 -12.95
N LEU B 44 -7.29 7.26 -13.08
CA LEU B 44 -6.20 8.04 -12.54
C LEU B 44 -6.18 9.46 -13.12
N ALA B 45 -6.33 9.57 -14.42
CA ALA B 45 -6.36 10.87 -15.06
C ALA B 45 -7.53 11.69 -14.56
N GLN B 46 -8.72 11.11 -14.52
CA GLN B 46 -9.92 11.84 -14.05
C GLN B 46 -9.74 12.42 -12.64
N VAL B 47 -9.31 11.58 -11.69
CA VAL B 47 -9.20 12.00 -10.30
C VAL B 47 -8.10 13.05 -10.13
N PHE B 48 -6.92 12.76 -10.67
CA PHE B 48 -5.77 13.63 -10.49
C PHE B 48 -6.02 14.99 -11.06
N SER B 49 -6.56 15.04 -12.28
CA SER B 49 -6.85 16.29 -12.95
C SER B 49 -7.92 17.08 -12.20
N GLU B 50 -8.87 16.39 -11.63
CA GLU B 50 -9.95 17.03 -10.91
C GLU B 50 -9.55 17.44 -9.48
N ARG B 51 -8.77 16.61 -8.78
CA ARG B 51 -8.60 16.80 -7.34
C ARG B 51 -7.16 17.04 -6.85
N ALA B 52 -6.16 17.05 -7.73
CA ALA B 52 -4.78 17.32 -7.30
C ALA B 52 -4.71 18.61 -6.48
N CYS B 53 -5.60 19.55 -6.85
CA CYS B 53 -5.68 20.85 -6.23
C CYS B 53 -6.01 20.85 -4.75
N ASP B 54 -6.67 19.82 -4.24
CA ASP B 54 -7.11 19.82 -2.81
C ASP B 54 -7.13 18.46 -2.10
N MET B 55 -6.47 17.47 -2.70
CA MET B 55 -6.41 16.10 -2.16
C MET B 55 -4.98 15.57 -2.32
N HIS B 56 -4.48 14.87 -1.31
CA HIS B 56 -3.16 14.26 -1.39
C HIS B 56 -3.18 12.95 -2.21
N VAL B 57 -2.04 12.59 -2.76
CA VAL B 57 -1.97 11.52 -3.75
C VAL B 57 -2.50 10.21 -3.19
N ALA B 58 -2.16 9.89 -1.95
CA ALA B 58 -2.66 8.66 -1.35
C ALA B 58 -4.17 8.64 -1.33
N ASP B 59 -4.78 9.78 -1.03
CA ASP B 59 -6.26 9.88 -0.98
C ASP B 59 -6.86 9.85 -2.36
N MET B 60 -6.18 10.48 -3.31
CA MET B 60 -6.65 10.40 -4.67
C MET B 60 -6.67 8.96 -5.11
N LEU B 61 -5.66 8.18 -4.71
CA LEU B 61 -5.59 6.78 -5.14
C LEU B 61 -6.70 5.93 -4.50
N VAL B 62 -7.14 6.31 -3.31
CA VAL B 62 -8.31 5.65 -2.69
C VAL B 62 -9.54 5.93 -3.55
N LYS B 63 -9.59 7.16 -4.05
CA LYS B 63 -10.65 7.60 -4.98
C LYS B 63 -10.66 6.81 -6.32
N VAL B 64 -9.47 6.50 -6.82
CA VAL B 64 -9.31 5.66 -7.99
C VAL B 64 -9.73 4.22 -7.66
N ASN B 65 -9.37 3.71 -6.49
CA ASN B 65 -9.92 2.43 -6.04
C ASN B 65 -11.46 2.38 -6.18
N ALA B 66 -12.16 3.42 -5.73
CA ALA B 66 -13.63 3.42 -5.75
C ALA B 66 -14.16 3.29 -7.18
N LEU B 67 -13.52 3.98 -8.11
CA LEU B 67 -13.96 3.95 -9.51
C LEU B 67 -13.77 2.56 -10.13
N ILE B 68 -12.66 1.90 -9.81
CA ILE B 68 -12.31 0.59 -10.35
C ILE B 68 -13.21 -0.51 -9.77
N LYS B 69 -13.53 -0.41 -8.49
CA LYS B 69 -14.43 -1.35 -7.85
C LYS B 69 -15.80 -1.37 -8.54
N ASP B 70 -16.31 -0.22 -8.98
CA ASP B 70 -17.63 -0.12 -9.62
C ASP B 70 -17.63 -0.41 -11.10
N ARG B 71 -16.46 -0.50 -11.71
CA ARG B 71 -16.48 -0.81 -13.11
C ARG B 71 -16.59 -2.31 -13.33
N GLU B 72 -17.09 -2.68 -14.50
CA GLU B 72 -17.13 -4.09 -14.91
C GLU B 72 -17.01 -4.21 -16.44
N GLY B 73 -16.53 -5.35 -16.91
CA GLY B 73 -16.21 -5.52 -18.31
C GLY B 73 -17.40 -5.47 -19.24
N TYR B 74 -17.18 -4.94 -20.44
CA TYR B 74 -18.10 -5.09 -21.59
C TYR B 74 -17.38 -5.91 -22.65
N ALA B 75 -17.72 -7.19 -22.75
CA ALA B 75 -17.03 -8.06 -23.68
C ALA B 75 -17.98 -9.18 -24.09
N PRO B 76 -19.16 -8.79 -24.66
CA PRO B 76 -20.20 -9.77 -24.99
C PRO B 76 -19.67 -10.97 -25.77
N GLY B 77 -20.24 -12.14 -25.47
CA GLY B 77 -19.83 -13.38 -26.11
C GLY B 77 -18.51 -13.93 -25.61
N THR B 78 -17.80 -13.18 -24.77
CA THR B 78 -16.51 -13.65 -24.25
C THR B 78 -16.61 -13.91 -22.76
N GLU B 79 -15.62 -14.62 -22.24
CA GLU B 79 -15.53 -14.93 -20.80
C GLU B 79 -15.27 -13.69 -19.91
N PHE B 80 -14.98 -12.54 -20.53
CA PHE B 80 -14.64 -11.34 -19.78
C PHE B 80 -15.82 -10.40 -19.58
N HIS B 81 -16.98 -10.77 -20.12
CA HIS B 81 -18.18 -9.95 -19.97
C HIS B 81 -18.58 -9.90 -18.48
N ARG B 82 -18.73 -8.68 -17.97
CA ARG B 82 -18.98 -8.38 -16.56
C ARG B 82 -17.81 -8.67 -15.62
N CYS B 83 -16.61 -8.91 -16.13
CA CYS B 83 -15.48 -9.23 -15.25
C CYS B 83 -15.07 -8.02 -14.41
N LYS B 84 -14.34 -8.28 -13.33
CA LYS B 84 -13.97 -7.22 -12.40
C LYS B 84 -12.47 -7.02 -12.32
N GLU B 85 -12.09 -5.94 -11.65
CA GLU B 85 -10.69 -5.61 -11.38
C GLU B 85 -10.66 -4.84 -10.07
N MET B 86 -9.56 -4.95 -9.35
CA MET B 86 -9.36 -4.09 -8.21
C MET B 86 -7.94 -3.55 -8.18
N SER B 87 -7.84 -2.24 -8.00
CA SER B 87 -6.57 -1.55 -7.89
C SER B 87 -6.16 -1.46 -6.42
N GLU B 88 -4.89 -1.18 -6.17
CA GLU B 88 -4.40 -0.93 -4.81
C GLU B 88 -3.24 0.02 -4.90
N TYR B 89 -2.77 0.47 -3.75
CA TYR B 89 -1.49 1.17 -3.69
C TYR B 89 -0.78 0.76 -2.40
N CYS B 90 0.56 0.80 -2.42
CA CYS B 90 1.42 0.54 -1.25
C CYS B 90 2.24 1.79 -1.01
N SER B 91 2.49 2.13 0.24
CA SER B 91 3.05 3.41 0.57
C SER B 91 4.08 3.32 1.68
N THR B 92 5.26 3.87 1.44
CA THR B 92 6.21 4.15 2.47
C THR B 92 6.34 5.67 2.64
N LEU B 93 5.36 6.44 2.19
CA LEU B 93 5.37 7.88 2.39
C LEU B 93 5.30 8.20 3.89
N CYS B 94 5.87 9.34 4.28
CA CYS B 94 5.93 9.75 5.69
C CYS B 94 5.30 11.10 5.94
N ARG B 95 4.76 11.71 4.88
CA ARG B 95 4.00 12.92 5.01
C ARG B 95 2.88 12.92 3.96
N HIS B 96 1.94 13.85 4.09
CA HIS B 96 0.95 14.04 3.05
C HIS B 96 1.68 14.42 1.80
N LEU B 97 1.18 13.95 0.65
CA LEU B 97 1.73 14.29 -0.67
C LEU B 97 0.71 15.09 -1.46
N TYR B 98 0.80 16.41 -1.32
CA TYR B 98 -0.02 17.33 -2.11
C TYR B 98 0.79 17.80 -3.28
N LEU B 99 0.21 17.79 -4.48
CA LEU B 99 0.98 18.18 -5.68
C LEU B 99 0.90 19.67 -5.91
N PHE B 100 -0.01 20.34 -5.22
CA PHE B 100 -0.13 21.80 -5.30
C PHE B 100 -0.04 22.33 -6.73
N PRO B 101 -0.90 21.84 -7.65
CA PRO B 101 -0.80 22.28 -9.04
C PRO B 101 -0.98 23.79 -9.19
N GLY B 102 -0.22 24.38 -10.10
CA GLY B 102 -0.42 25.78 -10.47
C GLY B 102 -0.25 26.81 -9.37
N HIS B 103 0.44 26.46 -8.28
CA HIS B 103 0.79 27.42 -7.23
C HIS B 103 2.30 27.71 -7.19
N PRO B 104 2.69 29.01 -7.10
CA PRO B 104 1.95 30.28 -6.89
C PRO B 104 1.07 30.80 -8.02
N LEU C 10 -1.74 4.14 27.99
CA LEU C 10 -2.50 4.20 26.72
C LEU C 10 -3.91 4.81 26.90
N GLN C 11 -4.21 5.95 26.26
CA GLN C 11 -5.55 6.56 26.30
C GLN C 11 -5.98 7.02 24.88
N VAL C 12 -7.22 6.72 24.49
CA VAL C 12 -7.76 7.14 23.19
C VAL C 12 -8.62 8.38 23.31
N LYS C 13 -8.16 9.47 22.71
CA LYS C 13 -8.87 10.73 22.77
C LYS C 13 -10.14 10.63 21.92
N PRO C 14 -11.28 11.06 22.43
CA PRO C 14 -12.50 10.91 21.62
C PRO C 14 -12.59 11.92 20.48
N CYS C 15 -13.24 11.56 19.38
CA CYS C 15 -13.51 12.57 18.36
C CYS C 15 -14.75 13.34 18.78
N THR C 16 -14.80 14.58 18.33
CA THR C 16 -15.89 15.49 18.66
C THR C 16 -17.10 15.22 17.74
N PRO C 17 -18.32 15.59 18.19
CA PRO C 17 -19.51 15.48 17.34
C PRO C 17 -19.34 16.28 16.05
N GLU C 18 -18.71 17.44 16.18
CA GLU C 18 -18.48 18.31 15.04
C GLU C 18 -17.62 17.62 13.98
N PHE C 19 -16.63 16.87 14.44
CA PHE C 19 -15.81 16.09 13.54
C PHE C 19 -16.66 15.01 12.87
N TYR C 20 -17.53 14.34 13.63
CA TYR C 20 -18.32 13.26 13.05
C TYR C 20 -19.24 13.81 12.00
N GLN C 21 -19.94 14.89 12.33
CA GLN C 21 -20.90 15.48 11.41
C GLN C 21 -20.26 16.03 10.14
N THR C 22 -18.98 16.35 10.17
CA THR C 22 -18.31 16.86 8.98
C THR C 22 -17.53 15.79 8.20
N HIS C 23 -17.52 14.54 8.70
CA HIS C 23 -16.75 13.47 8.05
C HIS C 23 -17.47 12.16 7.77
N PHE C 24 -18.61 11.92 8.41
CA PHE C 24 -19.30 10.62 8.28
C PHE C 24 -19.72 10.30 6.85
N GLN C 25 -20.07 11.31 6.07
CA GLN C 25 -20.56 11.14 4.70
C GLN C 25 -19.52 10.78 3.66
N LEU C 26 -18.25 10.98 4.00
CA LEU C 26 -17.16 10.67 3.10
C LEU C 26 -16.52 9.32 3.50
N ALA C 27 -16.84 8.82 4.69
CA ALA C 27 -16.14 7.67 5.23
C ALA C 27 -16.98 6.41 5.14
N TYR C 28 -16.33 5.28 5.32
CA TYR C 28 -17.04 4.03 5.58
C TYR C 28 -17.92 4.26 6.79
N ARG C 29 -19.08 3.63 6.80
CA ARG C 29 -19.91 3.58 7.98
C ARG C 29 -19.13 2.91 9.10
N LEU C 30 -18.97 3.62 10.22
CA LEU C 30 -18.27 3.13 11.38
C LEU C 30 -18.91 3.67 12.66
N GLN C 31 -20.07 3.12 12.98
CA GLN C 31 -20.80 3.51 14.18
C GLN C 31 -21.38 2.33 14.99
N SER C 32 -21.28 1.10 14.49
CA SER C 32 -21.78 -0.05 15.23
C SER C 32 -21.17 -0.19 16.64
N ARG C 33 -21.91 -0.86 17.52
CA ARG C 33 -21.42 -1.24 18.86
C ARG C 33 -21.53 -2.75 18.99
N PRO C 34 -20.39 -3.45 19.05
CA PRO C 34 -19.03 -2.91 18.95
C PRO C 34 -18.69 -2.45 17.53
N ARG C 35 -17.61 -1.66 17.40
CA ARG C 35 -17.16 -1.19 16.11
C ARG C 35 -16.86 -2.36 15.17
N GLY C 36 -16.49 -3.49 15.77
CA GLY C 36 -16.26 -4.71 15.04
C GLY C 36 -15.65 -5.72 15.98
N LEU C 37 -15.35 -6.90 15.43
CA LEU C 37 -14.55 -7.88 16.12
C LEU C 37 -13.08 -7.63 15.77
N ALA C 38 -12.20 -7.75 16.76
CA ALA C 38 -10.75 -7.68 16.55
C ALA C 38 -10.10 -8.99 16.98
N LEU C 39 -9.14 -9.49 16.22
CA LEU C 39 -8.41 -10.68 16.62
C LEU C 39 -6.97 -10.31 16.74
N VAL C 40 -6.38 -10.56 17.92
CA VAL C 40 -4.94 -10.41 18.13
C VAL C 40 -4.32 -11.79 18.29
N LEU C 41 -3.48 -12.19 17.33
CA LEU C 41 -2.88 -13.52 17.33
C LEU C 41 -1.36 -13.39 17.43
N SER C 42 -0.82 -13.66 18.62
CA SER C 42 0.62 -13.50 18.89
C SER C 42 1.27 -14.84 19.04
N ASN C 43 2.30 -15.10 18.24
CA ASN C 43 3.22 -16.21 18.52
C ASN C 43 4.57 -15.72 19.06
N VAL C 44 4.99 -16.28 20.17
CA VAL C 44 6.15 -15.79 20.89
C VAL C 44 7.13 -16.93 21.19
N HIS C 45 6.59 -18.10 21.54
CA HIS C 45 7.39 -19.27 21.89
C HIS C 45 7.33 -20.36 20.80
N PHE C 46 8.46 -20.65 20.14
CA PHE C 46 8.53 -21.59 19.02
C PHE C 46 9.24 -22.89 19.38
N THR C 47 8.69 -24.01 18.90
CA THR C 47 9.11 -25.34 19.34
C THR C 47 9.34 -26.35 18.20
N GLY C 48 9.34 -25.93 16.95
CA GLY C 48 9.53 -26.86 15.84
C GLY C 48 10.97 -27.23 15.56
N GLU C 49 11.15 -28.09 14.55
CA GLU C 49 12.47 -28.57 14.13
C GLU C 49 13.35 -27.41 13.67
N LYS C 50 12.75 -26.47 12.96
CA LYS C 50 13.43 -25.23 12.65
C LYS C 50 13.41 -24.37 13.90
N GLU C 51 14.59 -23.97 14.39
CA GLU C 51 14.69 -23.15 15.60
C GLU C 51 14.39 -21.68 15.23
N LEU C 52 13.54 -21.03 16.03
CA LEU C 52 13.22 -19.60 15.86
C LEU C 52 13.26 -18.92 17.23
N GLU C 53 13.98 -17.81 17.29
CA GLU C 53 14.31 -17.17 18.57
C GLU C 53 13.07 -16.60 19.25
N PHE C 54 12.87 -17.01 20.49
CA PHE C 54 11.78 -16.57 21.34
C PHE C 54 11.64 -15.06 21.26
N ARG C 55 10.43 -14.60 20.97
CA ARG C 55 10.20 -13.20 20.65
C ARG C 55 9.95 -12.40 21.91
N SER C 56 11.04 -11.97 22.51
CA SER C 56 11.01 -11.26 23.77
C SER C 56 10.41 -9.89 23.50
N GLY C 57 9.48 -9.48 24.35
CA GLY C 57 8.74 -8.23 24.10
C GLY C 57 7.44 -8.41 23.32
N GLY C 58 7.24 -9.61 22.74
CA GLY C 58 5.96 -9.96 22.12
C GLY C 58 4.78 -9.82 23.08
N ASP C 59 5.03 -10.08 24.36
CA ASP C 59 4.03 -9.90 25.42
C ASP C 59 3.56 -8.42 25.54
N VAL C 60 4.47 -7.46 25.39
CA VAL C 60 4.07 -6.05 25.44
C VAL C 60 3.29 -5.66 24.18
N ASP C 61 3.63 -6.27 23.05
CA ASP C 61 2.92 -6.05 21.81
C ASP C 61 1.47 -6.45 22.00
N HIS C 62 1.28 -7.61 22.61
CA HIS C 62 -0.03 -8.23 22.73
C HIS C 62 -0.94 -7.43 23.65
N SER C 63 -0.44 -7.08 24.84
CA SER C 63 -1.15 -6.18 25.74
C SER C 63 -1.51 -4.89 25.06
N THR C 64 -0.55 -4.33 24.36
CA THR C 64 -0.73 -3.04 23.75
C THR C 64 -1.89 -3.04 22.77
N LEU C 65 -1.94 -4.05 21.91
CA LEU C 65 -2.99 -4.14 20.90
C LEU C 65 -4.32 -4.54 21.53
N VAL C 66 -4.33 -5.46 22.48
CA VAL C 66 -5.59 -5.80 23.15
C VAL C 66 -6.20 -4.53 23.80
N THR C 67 -5.40 -3.82 24.59
CA THR C 67 -5.85 -2.56 25.15
C THR C 67 -6.33 -1.59 24.05
N LEU C 68 -5.46 -1.31 23.07
CA LEU C 68 -5.78 -0.34 22.00
C LEU C 68 -7.11 -0.59 21.29
N PHE C 69 -7.34 -1.83 20.88
CA PHE C 69 -8.53 -2.19 20.14
C PHE C 69 -9.77 -2.17 21.03
N LYS C 70 -9.65 -2.62 22.29
CA LYS C 70 -10.72 -2.43 23.28
C LYS C 70 -11.12 -0.95 23.37
N LEU C 71 -10.12 -0.09 23.56
CA LEU C 71 -10.36 1.33 23.66
C LEU C 71 -10.97 1.90 22.38
N LEU C 72 -10.65 1.32 21.21
CA LEU C 72 -11.26 1.76 19.93
C LEU C 72 -12.66 1.17 19.69
N GLY C 73 -13.16 0.41 20.67
CA GLY C 73 -14.55 -0.04 20.69
C GLY C 73 -14.74 -1.39 20.07
N TYR C 74 -13.68 -2.19 20.03
CA TYR C 74 -13.76 -3.52 19.44
C TYR C 74 -14.00 -4.62 20.49
N ASP C 75 -14.64 -5.71 20.05
CA ASP C 75 -14.73 -6.97 20.81
C ASP C 75 -13.48 -7.77 20.48
N VAL C 76 -12.53 -7.82 21.42
CA VAL C 76 -11.22 -8.37 21.13
C VAL C 76 -11.16 -9.87 21.47
N HIS C 77 -10.88 -10.68 20.46
CA HIS C 77 -10.57 -12.10 20.64
C HIS C 77 -9.05 -12.26 20.62
N VAL C 78 -8.54 -13.25 21.36
CA VAL C 78 -7.09 -13.45 21.53
C VAL C 78 -6.67 -14.88 21.26
N LEU C 79 -5.51 -15.05 20.64
CA LEU C 79 -4.94 -16.37 20.45
C LEU C 79 -3.46 -16.24 20.65
N CYS C 80 -2.88 -17.12 21.47
CA CYS C 80 -1.43 -17.15 21.68
C CYS C 80 -0.80 -18.48 21.26
N ASP C 81 0.39 -18.39 20.68
CA ASP C 81 1.24 -19.56 20.40
C ASP C 81 0.51 -20.67 19.68
N GLN C 82 0.18 -20.37 18.43
CA GLN C 82 -0.61 -21.25 17.60
C GLN C 82 0.25 -21.84 16.51
N THR C 83 -0.06 -23.07 16.10
CA THR C 83 0.58 -23.70 14.96
C THR C 83 0.00 -23.14 13.65
N ALA C 84 0.71 -23.36 12.55
CA ALA C 84 0.23 -22.91 11.25
C ALA C 84 -1.18 -23.42 10.97
N GLN C 85 -1.46 -24.67 11.31
CA GLN C 85 -2.78 -25.25 11.05
C GLN C 85 -3.84 -24.64 11.95
N GLU C 86 -3.56 -24.59 13.25
CA GLU C 86 -4.39 -23.88 14.21
C GLU C 86 -4.73 -22.45 13.77
N MET C 87 -3.73 -21.76 13.22
CA MET C 87 -3.89 -20.38 12.76
C MET C 87 -4.88 -20.29 11.58
N GLN C 88 -4.66 -21.12 10.57
CA GLN C 88 -5.54 -21.20 9.42
C GLN C 88 -6.97 -21.55 9.85
N GLU C 89 -7.13 -22.54 10.71
CA GLU C 89 -8.46 -23.00 11.09
C GLU C 89 -9.24 -21.94 11.90
N LYS C 90 -8.55 -21.30 12.84
CA LYS C 90 -9.19 -20.35 13.73
C LYS C 90 -9.34 -18.95 13.13
N LEU C 91 -8.51 -18.62 12.14
CA LEU C 91 -8.75 -17.44 11.31
C LEU C 91 -10.03 -17.66 10.49
N GLN C 92 -10.18 -18.86 9.93
CA GLN C 92 -11.40 -19.22 9.18
C GLN C 92 -12.62 -19.19 10.07
N ASN C 93 -12.58 -19.80 11.25
CA ASN C 93 -13.71 -19.72 12.18
C ASN C 93 -14.06 -18.27 12.49
N PHE C 94 -13.03 -17.44 12.70
CA PHE C 94 -13.21 -16.04 13.06
C PHE C 94 -13.89 -15.29 11.93
N ALA C 95 -13.40 -15.47 10.71
CA ALA C 95 -13.97 -14.80 9.55
C ALA C 95 -15.43 -15.22 9.34
N GLN C 96 -15.75 -16.44 9.74
CA GLN C 96 -17.07 -16.98 9.54
C GLN C 96 -18.03 -16.65 10.67
N LEU C 97 -17.57 -15.99 11.75
CA LEU C 97 -18.45 -15.69 12.90
C LEU C 97 -19.63 -14.85 12.43
N PRO C 98 -20.86 -15.18 12.85
CA PRO C 98 -22.05 -14.41 12.45
C PRO C 98 -22.15 -13.02 13.07
N ALA C 99 -21.40 -12.75 14.14
CA ALA C 99 -21.41 -11.42 14.72
C ALA C 99 -21.00 -10.34 13.71
N HIS C 100 -20.21 -10.69 12.69
CA HIS C 100 -19.78 -9.72 11.66
C HIS C 100 -20.92 -9.09 10.90
N ARG C 101 -22.08 -9.70 10.98
CA ARG C 101 -23.23 -9.14 10.30
C ARG C 101 -23.73 -7.87 10.91
N VAL C 102 -23.60 -7.72 12.22
CA VAL C 102 -24.13 -6.54 12.91
C VAL C 102 -23.05 -5.55 13.28
N THR C 103 -21.81 -5.77 12.83
CA THR C 103 -20.72 -4.80 13.02
C THR C 103 -20.35 -4.09 11.71
N ASP C 104 -19.57 -3.03 11.81
CA ASP C 104 -19.23 -2.21 10.63
C ASP C 104 -17.84 -2.41 10.09
N SER C 105 -16.96 -3.07 10.84
CA SER C 105 -15.56 -3.22 10.43
C SER C 105 -14.96 -4.46 11.08
N CYS C 106 -13.70 -4.75 10.73
CA CYS C 106 -13.00 -5.90 11.28
C CYS C 106 -11.52 -5.57 11.38
N ILE C 107 -10.85 -6.19 12.36
CA ILE C 107 -9.42 -5.99 12.60
C ILE C 107 -8.75 -7.34 12.86
N VAL C 108 -7.76 -7.69 12.05
CA VAL C 108 -6.90 -8.82 12.37
C VAL C 108 -5.42 -8.39 12.58
N ALA C 109 -4.83 -8.74 13.72
CA ALA C 109 -3.40 -8.45 13.96
C ALA C 109 -2.69 -9.77 14.09
N LEU C 110 -1.63 -9.98 13.31
CA LEU C 110 -0.84 -11.22 13.40
C LEU C 110 0.61 -10.87 13.73
N LEU C 111 1.13 -11.47 14.79
CA LEU C 111 2.42 -11.12 15.36
C LEU C 111 3.27 -12.37 15.52
N SER C 112 4.38 -12.44 14.82
CA SER C 112 5.13 -13.68 14.78
C SER C 112 6.43 -13.45 14.06
N HIS C 113 7.20 -14.53 13.91
CA HIS C 113 8.27 -14.58 12.91
C HIS C 113 7.64 -14.83 11.56
N GLY C 114 8.35 -14.47 10.51
CA GLY C 114 7.86 -14.69 9.15
C GLY C 114 8.93 -14.65 8.08
N VAL C 115 8.47 -14.88 6.85
CA VAL C 115 9.26 -14.69 5.65
C VAL C 115 8.43 -13.87 4.67
N GLU C 116 8.98 -13.49 3.54
CA GLU C 116 8.18 -12.76 2.58
C GLU C 116 6.89 -13.51 2.28
N GLY C 117 5.78 -12.84 2.58
CA GLY C 117 4.45 -13.32 2.21
C GLY C 117 3.87 -14.43 3.07
N ALA C 118 4.54 -14.76 4.18
CA ALA C 118 4.07 -15.84 5.07
C ALA C 118 4.52 -15.63 6.51
N ILE C 119 3.71 -16.10 7.44
CA ILE C 119 4.07 -16.05 8.85
C ILE C 119 4.18 -17.47 9.44
N TYR C 120 5.04 -17.60 10.45
CA TYR C 120 5.26 -18.88 11.10
C TYR C 120 4.25 -19.09 12.21
N GLY C 121 3.77 -20.33 12.35
CA GLY C 121 3.17 -20.80 13.58
C GLY C 121 4.26 -21.33 14.51
N VAL C 122 3.88 -21.66 15.73
CA VAL C 122 4.88 -22.07 16.74
C VAL C 122 5.65 -23.35 16.38
N ASP C 123 5.19 -24.06 15.35
CA ASP C 123 5.78 -25.32 14.93
C ASP C 123 6.77 -25.15 13.79
N GLY C 124 6.98 -23.89 13.36
CA GLY C 124 7.96 -23.59 12.31
C GLY C 124 7.44 -23.83 10.91
N LYS C 125 6.14 -24.00 10.76
CA LYS C 125 5.48 -24.14 9.45
C LYS C 125 4.85 -22.82 9.07
N LEU C 126 4.81 -22.56 7.77
CA LEU C 126 4.39 -21.26 7.24
C LEU C 126 2.94 -21.23 6.82
N LEU C 127 2.22 -20.16 7.20
CA LEU C 127 0.88 -19.87 6.68
C LEU C 127 1.01 -18.69 5.74
N GLN C 128 0.64 -18.87 4.48
CA GLN C 128 0.76 -17.83 3.45
C GLN C 128 -0.24 -16.71 3.71
N LEU C 129 0.20 -15.46 3.61
CA LEU C 129 -0.69 -14.35 3.92
C LEU C 129 -1.85 -14.18 2.94
N GLN C 130 -1.62 -14.42 1.64
CA GLN C 130 -2.70 -14.37 0.64
C GLN C 130 -3.89 -15.21 1.02
N GLU C 131 -3.59 -16.38 1.58
CA GLU C 131 -4.57 -17.34 2.06
C GLU C 131 -5.37 -16.77 3.24
N VAL C 132 -4.68 -16.03 4.13
CA VAL C 132 -5.36 -15.32 5.23
C VAL C 132 -6.29 -14.18 4.74
N PHE C 133 -5.79 -13.34 3.82
CA PHE C 133 -6.62 -12.25 3.33
C PHE C 133 -7.88 -12.80 2.63
N GLN C 134 -7.70 -13.88 1.87
CA GLN C 134 -8.78 -14.52 1.18
C GLN C 134 -9.90 -14.97 2.12
N LEU C 135 -9.59 -15.37 3.35
CA LEU C 135 -10.62 -15.75 4.31
C LEU C 135 -11.65 -14.65 4.53
N PHE C 136 -11.21 -13.39 4.38
CA PHE C 136 -12.04 -12.21 4.67
C PHE C 136 -12.55 -11.48 3.42
N ASP C 137 -12.38 -12.10 2.25
CA ASP C 137 -12.66 -11.41 0.98
C ASP C 137 -14.16 -11.41 0.69
N ASN C 138 -14.56 -10.84 -0.44
CA ASN C 138 -15.99 -10.68 -0.72
C ASN C 138 -16.65 -12.02 -1.10
N ALA C 139 -15.86 -12.89 -1.69
CA ALA C 139 -16.33 -14.22 -2.07
C ALA C 139 -16.63 -14.99 -0.81
N ASN C 140 -15.67 -14.99 0.11
CA ASN C 140 -15.66 -15.95 1.23
C ASN C 140 -16.27 -15.45 2.53
N CYS C 141 -16.33 -14.12 2.70
CA CYS C 141 -16.83 -13.50 3.93
C CYS C 141 -17.92 -12.48 3.55
N PRO C 142 -19.03 -12.98 3.00
CA PRO C 142 -20.11 -12.10 2.56
C PRO C 142 -20.57 -11.12 3.64
N SER C 143 -20.47 -11.55 4.90
CA SER C 143 -20.83 -10.68 6.04
C SER C 143 -20.07 -9.36 6.10
N LEU C 144 -18.86 -9.32 5.55
CA LEU C 144 -18.03 -8.14 5.62
C LEU C 144 -17.95 -7.43 4.28
N GLN C 145 -18.78 -7.84 3.33
CA GLN C 145 -18.77 -7.17 2.02
C GLN C 145 -18.94 -5.67 2.20
N ASN C 146 -18.09 -4.88 1.57
CA ASN C 146 -18.19 -3.40 1.59
C ASN C 146 -17.86 -2.74 2.94
N LYS C 147 -17.43 -3.55 3.90
CA LYS C 147 -16.97 -3.07 5.19
C LYS C 147 -15.44 -3.02 5.25
N PRO C 148 -14.88 -2.03 5.94
CA PRO C 148 -13.44 -1.91 6.01
C PRO C 148 -12.82 -2.99 6.90
N LYS C 149 -11.77 -3.64 6.39
CA LYS C 149 -11.11 -4.75 7.05
C LYS C 149 -9.64 -4.40 7.21
N MET C 150 -9.20 -4.31 8.45
CA MET C 150 -7.86 -3.84 8.75
C MET C 150 -6.99 -5.03 9.11
N PHE C 151 -5.80 -5.10 8.53
CA PHE C 151 -4.84 -6.12 8.88
C PHE C 151 -3.55 -5.46 9.31
N PHE C 152 -2.92 -6.02 10.36
CA PHE C 152 -1.64 -5.53 10.83
C PHE C 152 -0.71 -6.71 11.04
N ILE C 153 0.44 -6.71 10.34
CA ILE C 153 1.33 -7.86 10.34
C ILE C 153 2.71 -7.51 10.93
N GLN C 154 2.90 -7.84 12.21
CA GLN C 154 4.21 -7.74 12.84
C GLN C 154 5.00 -9.03 12.60
N ALA C 155 5.81 -9.04 11.56
CA ALA C 155 6.58 -10.21 11.21
C ALA C 155 7.66 -9.80 10.26
N CYS C 156 8.78 -10.54 10.26
CA CYS C 156 9.87 -10.30 9.30
C CYS C 156 9.50 -10.76 7.92
N ARG C 157 10.12 -10.13 6.91
CA ARG C 157 9.93 -10.53 5.52
C ARG C 157 11.27 -10.82 4.84
N GLY C 158 12.23 -11.28 5.63
CA GLY C 158 13.63 -11.36 5.22
C GLY C 158 14.56 -11.39 6.43
N ASP C 159 15.79 -11.86 6.21
CA ASP C 159 16.77 -11.98 7.29
C ASP C 159 17.94 -11.02 7.15
N GLU C 160 17.87 -10.09 6.21
CA GLU C 160 18.99 -9.15 6.02
C GLU C 160 18.76 -7.87 6.84
N THR C 161 19.74 -7.49 7.64
CA THR C 161 19.78 -6.18 8.30
C THR C 161 19.87 -5.05 7.30
N ASP C 162 19.07 -4.02 7.53
CA ASP C 162 19.21 -2.78 6.81
C ASP C 162 20.18 -1.93 7.65
N ARG C 163 21.44 -1.88 7.24
CA ARG C 163 22.44 -1.02 7.88
C ARG C 163 22.07 0.45 7.71
N GLY C 164 21.19 0.74 6.75
CA GLY C 164 20.74 2.08 6.54
C GLY C 164 21.72 2.80 5.65
N VAL C 165 21.49 4.09 5.47
CA VAL C 165 22.26 4.89 4.55
C VAL C 165 22.40 6.31 5.10
N ASP C 166 23.58 6.90 4.99
CA ASP C 166 23.76 8.28 5.44
C ASP C 166 22.98 9.19 4.54
N GLN C 167 22.52 10.27 5.15
CA GLN C 167 21.80 11.32 4.46
C GLN C 167 22.79 12.16 3.64
N GLN C 168 22.62 12.21 2.32
CA GLN C 168 23.60 12.80 1.40
C GLN C 168 23.65 14.32 1.53
N ASP C 169 24.87 14.82 1.71
CA ASP C 169 25.17 16.23 2.06
C ASP C 169 24.72 16.62 3.48
N LYS D 9 -27.73 -5.92 -11.96
CA LYS D 9 -27.37 -5.68 -10.52
C LYS D 9 -25.85 -5.86 -10.29
N MET D 10 -25.21 -4.80 -9.77
CA MET D 10 -23.73 -4.70 -9.78
C MET D 10 -23.06 -5.79 -8.92
N ARG D 11 -21.81 -6.05 -9.25
CA ARG D 11 -21.01 -7.07 -8.57
C ARG D 11 -19.74 -6.48 -8.00
N LEU D 12 -19.18 -7.20 -7.04
CA LEU D 12 -17.96 -6.79 -6.40
C LEU D 12 -16.75 -7.46 -7.00
N PRO D 13 -15.60 -6.78 -6.99
CA PRO D 13 -14.38 -7.55 -7.22
C PRO D 13 -14.24 -8.61 -6.12
N THR D 14 -13.43 -9.62 -6.36
CA THR D 14 -13.31 -10.71 -5.41
C THR D 14 -12.87 -10.16 -4.05
N ARG D 15 -11.90 -9.24 -4.08
CA ARG D 15 -11.33 -8.64 -2.87
C ARG D 15 -11.31 -7.12 -2.98
N SER D 16 -11.78 -6.45 -1.91
CA SER D 16 -11.80 -4.98 -1.83
C SER D 16 -11.95 -4.52 -0.41
N ASP D 17 -11.77 -3.21 -0.19
CA ASP D 17 -12.01 -2.57 1.10
C ASP D 17 -11.12 -3.11 2.23
N MET D 18 -9.87 -3.44 1.89
CA MET D 18 -8.91 -3.90 2.87
C MET D 18 -7.81 -2.89 2.98
N ILE D 19 -7.25 -2.79 4.17
CA ILE D 19 -5.99 -2.10 4.38
C ILE D 19 -5.07 -2.99 5.22
N CYS D 20 -3.83 -3.15 4.79
CA CYS D 20 -2.92 -3.96 5.55
C CYS D 20 -1.62 -3.22 5.84
N GLY D 21 -1.34 -3.04 7.13
CA GLY D 21 -0.11 -2.45 7.59
C GLY D 21 0.94 -3.50 7.85
N TYR D 22 2.15 -3.28 7.36
CA TYR D 22 3.25 -4.21 7.55
C TYR D 22 4.39 -3.53 8.32
N ALA D 23 4.96 -4.25 9.28
CA ALA D 23 6.08 -3.72 10.06
C ALA D 23 7.33 -3.46 9.19
N CYS D 24 7.43 -4.11 8.03
CA CYS D 24 8.63 -3.98 7.20
C CYS D 24 8.31 -4.20 5.73
N LEU D 25 9.30 -3.91 4.88
CA LEU D 25 9.16 -4.06 3.44
C LEU D 25 9.57 -5.45 2.95
N LYS D 26 9.08 -5.79 1.76
CA LYS D 26 9.42 -7.04 1.07
C LYS D 26 10.92 -7.22 1.05
N GLY D 27 11.40 -8.32 1.63
CA GLY D 27 12.84 -8.59 1.70
C GLY D 27 13.56 -8.06 2.92
N THR D 28 12.87 -7.23 3.69
CA THR D 28 13.51 -6.58 4.81
C THR D 28 12.99 -7.14 6.11
N ALA D 29 13.77 -6.93 7.15
CA ALA D 29 13.47 -7.42 8.49
C ALA D 29 12.70 -6.35 9.25
N ALA D 30 12.04 -6.77 10.33
CA ALA D 30 11.39 -5.86 11.26
C ALA D 30 12.19 -5.95 12.54
N MET D 31 12.18 -4.89 13.34
CA MET D 31 13.00 -4.87 14.54
C MET D 31 12.15 -4.75 15.79
N ARG D 32 12.54 -5.51 16.82
CA ARG D 32 11.79 -5.61 18.06
C ARG D 32 12.68 -5.35 19.27
N ASN D 33 12.27 -4.40 20.11
CA ASN D 33 12.99 -4.11 21.35
C ASN D 33 12.55 -5.11 22.40
N THR D 34 13.52 -5.71 23.06
CA THR D 34 13.26 -6.76 24.04
C THR D 34 12.49 -6.28 25.29
N LYS D 35 12.55 -4.98 25.59
CA LYS D 35 11.76 -4.41 26.71
C LYS D 35 10.51 -3.64 26.24
N ARG D 36 10.66 -2.82 25.18
CA ARG D 36 9.56 -1.94 24.69
C ARG D 36 8.59 -2.54 23.63
N GLY D 37 8.92 -3.72 23.09
CA GLY D 37 8.10 -4.36 22.07
C GLY D 37 8.58 -4.01 20.67
N SER D 38 7.76 -4.28 19.68
CA SER D 38 8.17 -4.06 18.32
C SER D 38 8.10 -2.58 18.01
N TRP D 39 9.03 -2.10 17.18
CA TRP D 39 9.00 -0.71 16.78
C TRP D 39 7.63 -0.36 16.18
N TYR D 40 7.12 -1.25 15.34
CA TYR D 40 5.90 -0.95 14.57
C TYR D 40 4.64 -0.90 15.44
N ILE D 41 4.47 -1.91 16.30
CA ILE D 41 3.32 -1.97 17.19
C ILE D 41 3.37 -0.81 18.20
N GLU D 42 4.58 -0.48 18.67
CA GLU D 42 4.72 0.66 19.55
C GLU D 42 4.29 1.93 18.82
N ALA D 43 4.83 2.14 17.62
CA ALA D 43 4.49 3.32 16.80
C ALA D 43 2.98 3.39 16.50
N LEU D 44 2.40 2.24 16.16
CA LEU D 44 0.99 2.14 15.83
C LEU D 44 0.06 2.52 17.01
N ALA D 45 0.36 2.06 18.21
CA ALA D 45 -0.50 2.34 19.36
C ALA D 45 -0.46 3.81 19.69
N GLN D 46 0.73 4.39 19.67
CA GLN D 46 0.92 5.81 19.94
C GLN D 46 0.12 6.68 18.99
N VAL D 47 0.22 6.40 17.70
CA VAL D 47 -0.43 7.26 16.73
C VAL D 47 -1.95 7.05 16.80
N PHE D 48 -2.38 5.79 16.72
CA PHE D 48 -3.81 5.49 16.72
C PHE D 48 -4.48 6.06 17.97
N SER D 49 -3.82 5.93 19.12
CA SER D 49 -4.43 6.37 20.39
C SER D 49 -4.53 7.89 20.46
N GLU D 50 -3.55 8.59 19.92
CA GLU D 50 -3.57 10.06 19.86
C GLU D 50 -4.48 10.63 18.76
N ARG D 51 -4.45 10.00 17.58
CA ARG D 51 -5.03 10.62 16.37
C ARG D 51 -6.29 9.98 15.82
N ALA D 52 -6.75 8.87 16.38
CA ALA D 52 -7.98 8.22 15.87
C ALA D 52 -9.12 9.22 15.84
N CYS D 53 -9.07 10.21 16.73
CA CYS D 53 -10.08 11.24 16.88
C CYS D 53 -10.20 12.17 15.66
N ASP D 54 -9.10 12.39 14.95
CA ASP D 54 -9.10 13.37 13.84
C ASP D 54 -8.36 13.00 12.56
N MET D 55 -8.03 11.73 12.40
CA MET D 55 -7.22 11.30 11.28
C MET D 55 -7.71 9.91 10.84
N HIS D 56 -7.81 9.69 9.54
CA HIS D 56 -8.24 8.38 9.06
C HIS D 56 -7.06 7.41 9.08
N VAL D 57 -7.38 6.11 9.09
CA VAL D 57 -6.39 5.05 9.35
C VAL D 57 -5.23 5.10 8.37
N ALA D 58 -5.52 5.34 7.10
CA ALA D 58 -4.47 5.39 6.09
C ALA D 58 -3.49 6.52 6.40
N ASP D 59 -4.01 7.68 6.78
CA ASP D 59 -3.16 8.81 7.14
C ASP D 59 -2.39 8.50 8.42
N MET D 60 -3.04 7.82 9.35
CA MET D 60 -2.37 7.45 10.58
C MET D 60 -1.21 6.54 10.26
N LEU D 61 -1.40 5.58 9.36
CA LEU D 61 -0.29 4.70 8.98
C LEU D 61 0.87 5.45 8.32
N VAL D 62 0.58 6.56 7.63
CA VAL D 62 1.66 7.41 7.12
C VAL D 62 2.50 7.99 8.25
N LYS D 63 1.84 8.47 9.31
CA LYS D 63 2.54 8.97 10.49
C LYS D 63 3.35 7.88 11.20
N VAL D 64 2.85 6.65 11.17
CA VAL D 64 3.60 5.52 11.74
C VAL D 64 4.86 5.33 10.93
N ASN D 65 4.71 5.25 9.61
CA ASN D 65 5.90 5.29 8.71
C ASN D 65 6.93 6.37 9.09
N ALA D 66 6.47 7.57 9.42
CA ALA D 66 7.39 8.68 9.75
C ALA D 66 8.22 8.37 10.98
N LEU D 67 7.59 7.83 12.02
CA LEU D 67 8.29 7.46 13.25
C LEU D 67 9.31 6.34 12.98
N ILE D 68 8.92 5.34 12.17
CA ILE D 68 9.73 4.17 11.91
C ILE D 68 10.94 4.56 11.10
N LYS D 69 10.72 5.33 10.04
CA LYS D 69 11.81 5.87 9.22
C LYS D 69 12.95 6.49 10.03
N ASP D 70 12.60 7.16 11.12
CA ASP D 70 13.57 7.90 11.94
C ASP D 70 14.21 7.11 13.05
N ARG D 71 13.55 6.04 13.49
CA ARG D 71 14.07 5.20 14.56
C ARG D 71 15.31 4.42 14.12
N GLU D 72 16.19 4.12 15.06
CA GLU D 72 17.34 3.27 14.77
C GLU D 72 17.74 2.35 15.93
N GLY D 73 18.37 1.25 15.55
CA GLY D 73 18.77 0.20 16.47
C GLY D 73 19.75 0.61 17.54
N TYR D 74 19.42 0.21 18.75
CA TYR D 74 20.35 0.21 19.86
C TYR D 74 20.64 -1.26 20.17
N ALA D 75 21.87 -1.67 19.91
CA ALA D 75 22.36 -3.02 20.20
C ALA D 75 23.88 -3.10 19.97
N PRO D 76 24.66 -2.31 20.73
CA PRO D 76 26.10 -2.17 20.64
C PRO D 76 26.85 -3.48 20.54
N GLY D 77 27.79 -3.57 19.61
CA GLY D 77 28.47 -4.82 19.29
C GLY D 77 27.59 -5.89 18.63
N THR D 78 26.61 -5.44 17.85
CA THR D 78 25.93 -6.33 16.90
C THR D 78 25.84 -5.55 15.60
N GLU D 79 25.58 -6.23 14.51
CA GLU D 79 25.29 -5.53 13.26
C GLU D 79 23.92 -4.81 13.29
N PHE D 80 23.14 -5.03 14.35
CA PHE D 80 21.83 -4.41 14.47
C PHE D 80 21.96 -3.03 15.08
N HIS D 81 23.14 -2.70 15.62
CA HIS D 81 23.37 -1.36 16.15
C HIS D 81 23.30 -0.29 15.03
N ARG D 82 22.57 0.77 15.30
CA ARG D 82 22.24 1.77 14.29
C ARG D 82 21.55 1.20 13.00
N CYS D 83 20.87 0.05 13.11
CA CYS D 83 20.14 -0.53 11.96
C CYS D 83 18.80 0.15 11.78
N LYS D 84 18.24 0.02 10.58
CA LYS D 84 17.01 0.69 10.21
C LYS D 84 15.92 -0.29 9.77
N GLU D 85 14.74 0.25 9.55
CA GLU D 85 13.57 -0.51 9.16
C GLU D 85 12.63 0.47 8.48
N MET D 86 11.82 -0.03 7.54
CA MET D 86 10.74 0.77 6.99
C MET D 86 9.45 -0.04 6.91
N SER D 87 8.42 0.45 7.58
CA SER D 87 7.10 -0.08 7.46
C SER D 87 6.46 0.39 6.14
N GLU D 88 5.34 -0.22 5.79
CA GLU D 88 4.52 0.24 4.67
C GLU D 88 3.10 -0.25 4.90
N TYR D 89 2.17 0.31 4.13
CA TYR D 89 0.79 -0.19 4.11
C TYR D 89 0.29 -0.34 2.68
N CYS D 90 -0.57 -1.33 2.43
CA CYS D 90 -1.23 -1.47 1.14
C CYS D 90 -2.74 -1.36 1.34
N SER D 91 -3.43 -0.67 0.45
CA SER D 91 -4.85 -0.40 0.63
C SER D 91 -5.67 -0.65 -0.60
N THR D 92 -6.78 -1.34 -0.40
CA THR D 92 -7.81 -1.44 -1.40
C THR D 92 -9.02 -0.72 -0.90
N LEU D 93 -8.81 0.24 0.01
CA LEU D 93 -9.93 0.97 0.60
C LEU D 93 -10.45 1.92 -0.47
N CYS D 94 -11.75 2.20 -0.40
CA CYS D 94 -12.42 3.04 -1.40
C CYS D 94 -13.00 4.33 -0.84
N ARG D 95 -12.73 4.60 0.43
CA ARG D 95 -13.11 5.85 1.10
C ARG D 95 -12.23 6.03 2.33
N HIS D 96 -12.48 7.11 3.05
CA HIS D 96 -11.84 7.34 4.34
C HIS D 96 -12.22 6.31 5.40
N LEU D 97 -11.26 5.85 6.17
CA LEU D 97 -11.56 4.97 7.30
C LEU D 97 -11.36 5.76 8.56
N TYR D 98 -12.43 6.40 9.03
CA TYR D 98 -12.38 7.03 10.33
C TYR D 98 -12.98 6.07 11.33
N LEU D 99 -12.28 5.92 12.46
CA LEU D 99 -12.70 5.03 13.54
C LEU D 99 -13.68 5.73 14.53
N PHE D 100 -13.75 7.06 14.45
CA PHE D 100 -14.68 7.87 15.26
C PHE D 100 -14.72 7.46 16.75
N PRO D 101 -13.56 7.35 17.39
CA PRO D 101 -13.54 6.87 18.77
C PRO D 101 -14.39 7.73 19.67
N GLY D 102 -15.30 7.09 20.41
CA GLY D 102 -16.06 7.75 21.45
C GLY D 102 -17.34 8.42 20.98
N HIS D 103 -17.68 8.26 19.70
CA HIS D 103 -18.90 8.85 19.16
C HIS D 103 -19.91 7.81 18.62
N PRO D 104 -21.19 7.89 19.04
CA PRO D 104 -21.73 8.75 20.10
C PRO D 104 -21.37 8.23 21.50
N PRO D 105 -21.58 9.07 22.52
CA PRO D 105 -21.38 8.62 23.91
C PRO D 105 -22.40 7.57 24.38
C ACE E 1 -15.28 -2.01 -26.80
O ACE E 1 -16.22 -1.95 -26.02
CH3 ACE E 1 -15.01 -0.87 -27.73
N VAL E 2 -14.27 -2.87 -26.64
CA VAL E 2 -14.37 -4.07 -25.79
C VAL E 2 -13.19 -4.15 -24.78
N ASP E 3 -13.39 -4.89 -23.69
CA ASP E 3 -12.42 -4.92 -22.61
C ASP E 3 -11.57 -6.21 -22.72
N VAL E 4 -10.25 -6.04 -22.64
CA VAL E 4 -9.30 -7.14 -22.78
C VAL E 4 -8.31 -7.09 -21.59
C 3PX E 5 -5.44 -7.78 -20.41
N 3PX E 5 -7.74 -8.27 -21.24
O 3PX E 5 -4.91 -7.84 -21.51
CA 3PX E 5 -6.77 -8.43 -20.15
CB 3PX E 5 -6.57 -9.93 -19.99
CD 3PX E 5 -8.11 -9.61 -21.74
CG 3PX E 5 -6.99 -10.54 -21.31
OB1 3PX E 5 -7.44 -10.35 -18.94
CB2 3PX E 5 -7.32 -11.73 -18.57
CB3 3PX E 5 -5.91 -12.05 -18.09
CB4 3PX E 5 -8.38 -12.06 -17.51
C ASJ E 6 -2.48 -7.48 -18.66
N ASJ E 6 -4.88 -7.19 -19.34
O ASJ E 6 -1.34 -7.57 -19.08
CA ASJ E 6 -3.51 -6.61 -19.37
CB ASJ E 6 -3.52 -5.22 -18.70
CG ASJ E 6 -2.94 -4.13 -19.58
OD1 ASJ E 6 -2.72 -4.38 -20.77
OD2 ASJ E 6 -2.71 -3.01 -19.07
C ACE F 1 17.25 -3.03 24.98
O ACE F 1 17.86 -1.98 24.75
CH3 ACE F 1 16.32 -3.15 26.17
N VAL F 2 17.52 -4.16 24.33
CA VAL F 2 18.16 -4.17 23.02
C VAL F 2 17.20 -4.54 21.90
N ASP F 3 17.59 -4.17 20.68
CA ASP F 3 16.80 -4.42 19.48
C ASP F 3 17.27 -5.72 18.83
N VAL F 4 16.33 -6.50 18.31
CA VAL F 4 16.66 -7.80 17.69
C VAL F 4 15.78 -7.98 16.46
C 3PX F 5 14.13 -9.93 14.52
N 3PX F 5 16.16 -8.88 15.56
O 3PX F 5 14.11 -10.82 15.36
CA 3PX F 5 15.37 -9.09 14.34
CB 3PX F 5 16.27 -9.76 13.34
CD 3PX F 5 17.39 -9.70 15.49
CG 3PX F 5 17.33 -10.46 14.17
OB1 3PX F 5 16.76 -8.67 12.56
CB2 3PX F 5 17.58 -8.99 11.44
CB3 3PX F 5 17.85 -7.68 10.70
CB4 3PX F 5 16.93 -10.03 10.53
C ASJ F 6 11.42 -11.00 12.44
N ASJ F 6 13.15 -9.65 13.67
O ASJ F 6 10.72 -12.00 12.52
CA ASJ F 6 11.82 -10.27 13.74
CB ASJ F 6 10.81 -9.16 14.04
CG ASJ F 6 9.64 -9.62 14.86
OD1 ASJ F 6 9.73 -10.70 15.47
OD2 ASJ F 6 8.63 -8.90 14.90
#